data_1KEG
#
_entry.id   1KEG
#
_cell.length_a   73.567
_cell.length_b   137.274
_cell.length_c   49.615
_cell.angle_alpha   90.00
_cell.angle_beta   90.00
_cell.angle_gamma   90.00
#
_symmetry.space_group_name_H-M   'P 21 21 21'
#
loop_
_entity.id
_entity.type
_entity.pdbx_description
1 polymer "5'-D(*TP*(64T)P*TP*T)-3'"
2 polymer 'Anti-(6-4) photoproduct antibody 64M-2 Fab (light chain)'
3 polymer 'Anti-(6-4) photoproduct antibody 64M-2 Fab (heavy chain)'
4 non-polymer 'NICKEL (II) ION'
5 water water
#
loop_
_entity_poly.entity_id
_entity_poly.type
_entity_poly.pdbx_seq_one_letter_code
_entity_poly.pdbx_strand_id
1 'polydeoxyribonucleotide' (DT)(64T)(DT)(DT) A
2 'polypeptide(L)'
;DVLMTQTPLSLPVSLGDQASISCRSSQSIVHSNGNTYLEWYLQKPGQSPKLLIYKVSNRFSGVPDRFSGSGSGTDFTLKI
SRVEAEDLGVYYCFQGSLVPTFGGGTKLEIKRADAAPTVSIFPPSSEQLTSGGASVVCFLNNFYPKDINVKWKIDGSERQ
NGVLNSWTDQDSKDSTYSMSSTLTLTKDEYERHNSYTCEATHKTSTSPIVKSFNRN
;
L
3 'polypeptide(L)'
;EVQLQQSGTVLARPGASVKMSCKASGYSFTSFWMHWVKQRPGQGLEWIGTIYPGNSDTSYNQKFKGKAKLTAVTSASTAY
MEVSSLTNEDSAVYYCTRRSGYKYYALDYWGQGTSVTVSSAKTTAPSVYPLAPVCGDTTGSSVTLGCLVKGYFPEPVTLT
WNSGSLSSGVHTFPAVLQSDLYTLSSSVTVTSSTWPSQSITCNVAHPASSTKVDKKIEPR
;
H
#
loop_
_chem_comp.id
_chem_comp.type
_chem_comp.name
_chem_comp.formula
64T DNA linking 5-HYDROXY-THYMIDINE-5'-MONOPHOSPHATE 'C10 H17 N2 O9 P'
DT DNA linking THYMIDINE-5'-MONOPHOSPHATE 'C10 H15 N2 O8 P'
NI non-polymer 'NICKEL (II) ION' 'Ni 2'
#
# COMPACT_ATOMS: atom_id res chain seq x y z
P 64T A 2 -29.53 8.35 -18.10
OP1 64T A 2 -30.45 7.26 -17.70
OP2 64T A 2 -29.81 9.75 -17.69
O5' 64T A 2 -28.08 7.94 -17.63
C5' 64T A 2 -27.40 6.85 -18.23
C4' 64T A 2 -26.18 6.47 -17.42
O4' 64T A 2 -25.17 7.46 -17.73
C3' 64T A 2 -26.41 6.54 -15.92
O3' 64T A 2 -26.47 5.31 -15.22
C2' 64T A 2 -25.26 7.35 -15.39
C1' 64T A 2 -24.46 7.84 -16.57
N1 64T A 2 -24.31 9.36 -16.50
C2 64T A 2 -23.17 9.92 -16.69
O2 64T A 2 -22.13 9.29 -16.94
N3 64T A 2 -23.09 11.31 -16.59
C4 64T A 2 -24.17 12.14 -16.29
O4 64T A 2 -23.97 13.28 -15.98
C5 64T A 2 -25.55 11.55 -16.38
C5M 64T A 2 -26.07 11.73 -17.81
O5 64T A 2 -26.41 12.22 -15.47
C6 64T A 2 -25.55 10.04 -16.02
N ASP B 1 -26.61 -8.96 -7.21
CA ASP B 1 -25.88 -7.73 -7.60
C ASP B 1 -24.77 -8.06 -8.59
N VAL B 2 -24.38 -7.08 -9.41
CA VAL B 2 -23.33 -7.28 -10.42
C VAL B 2 -21.96 -7.41 -9.78
N LEU B 3 -21.27 -8.50 -10.10
CA LEU B 3 -19.93 -8.76 -9.59
C LEU B 3 -18.96 -8.50 -10.72
N MET B 4 -17.90 -7.76 -10.44
CA MET B 4 -16.89 -7.43 -11.44
C MET B 4 -15.61 -8.18 -11.13
N THR B 5 -15.27 -9.14 -12.00
CA THR B 5 -14.06 -9.94 -11.82
C THR B 5 -12.93 -9.56 -12.75
N GLN B 6 -11.77 -9.24 -12.18
CA GLN B 6 -10.62 -8.87 -12.98
C GLN B 6 -9.54 -9.92 -12.93
N THR B 7 -8.99 -10.19 -14.10
CA THR B 7 -7.90 -11.15 -14.27
C THR B 7 -6.90 -10.62 -15.29
N PRO B 8 -5.59 -10.77 -14.99
CA PRO B 8 -5.06 -11.39 -13.78
C PRO B 8 -5.00 -10.39 -12.62
N LEU B 9 -4.59 -10.86 -11.44
CA LEU B 9 -4.47 -9.99 -10.27
C LEU B 9 -3.15 -9.23 -10.34
N SER B 10 -2.14 -9.92 -10.84
CA SER B 10 -0.81 -9.37 -11.01
C SER B 10 -0.40 -9.70 -12.45
N LEU B 11 0.24 -8.75 -13.13
CA LEU B 11 0.66 -8.95 -14.50
C LEU B 11 2.03 -8.37 -14.82
N PRO B 12 3.08 -9.21 -14.77
CA PRO B 12 4.48 -8.85 -15.04
C PRO B 12 4.83 -8.91 -16.52
N VAL B 13 5.37 -7.82 -17.03
CA VAL B 13 5.74 -7.73 -18.43
C VAL B 13 6.99 -6.89 -18.55
N SER B 14 7.74 -7.09 -19.63
CA SER B 14 8.94 -6.30 -19.87
C SER B 14 8.46 -5.01 -20.52
N LEU B 15 9.24 -3.95 -20.42
CA LEU B 15 8.83 -2.70 -21.07
C LEU B 15 8.97 -2.93 -22.57
N GLY B 16 7.92 -2.60 -23.32
CA GLY B 16 7.93 -2.80 -24.77
C GLY B 16 6.91 -3.85 -25.16
N ASP B 17 6.73 -4.84 -24.28
CA ASP B 17 5.78 -5.92 -24.51
C ASP B 17 4.35 -5.41 -24.56
N GLN B 18 3.44 -6.28 -24.96
CA GLN B 18 2.03 -5.95 -25.04
C GLN B 18 1.42 -6.39 -23.73
N ALA B 19 0.30 -5.77 -23.38
CA ALA B 19 -0.39 -6.13 -22.15
C ALA B 19 -1.88 -6.16 -22.44
N SER B 20 -2.56 -7.10 -21.80
CA SER B 20 -3.99 -7.28 -21.99
C SER B 20 -4.59 -7.69 -20.66
N ILE B 21 -5.54 -6.91 -20.16
CA ILE B 21 -6.19 -7.17 -18.88
C ILE B 21 -7.65 -7.46 -19.16
N SER B 22 -8.24 -8.37 -18.41
CA SER B 22 -9.63 -8.74 -18.62
C SER B 22 -10.53 -8.40 -17.45
N CYS B 23 -11.78 -8.09 -17.76
CA CYS B 23 -12.78 -7.73 -16.76
C CYS B 23 -14.09 -8.39 -17.15
N ARG B 24 -14.70 -9.08 -16.18
CA ARG B 24 -15.96 -9.79 -16.42
C ARG B 24 -17.08 -9.48 -15.41
N SER B 25 -18.22 -9.04 -15.92
CA SER B 25 -19.37 -8.76 -15.08
C SER B 25 -20.13 -10.06 -14.89
N SER B 26 -20.67 -10.28 -13.69
CA SER B 26 -21.44 -11.49 -13.38
C SER B 26 -22.70 -11.61 -14.25
N GLN B 27 -23.06 -10.51 -14.90
CA GLN B 27 -24.22 -10.46 -15.78
C GLN B 27 -24.15 -9.24 -16.70
N SER B 28 -24.93 -9.24 -17.77
CA SER B 28 -24.94 -8.15 -18.72
C SER B 28 -25.12 -6.81 -18.02
N ILE B 29 -24.23 -5.89 -18.32
CA ILE B 29 -24.28 -4.57 -17.72
C ILE B 29 -24.76 -3.52 -18.71
N VAL B 30 -25.48 -3.97 -19.74
CA VAL B 30 -26.03 -3.08 -20.76
C VAL B 30 -27.18 -2.28 -20.17
N HIS B 31 -27.15 -0.97 -20.35
CA HIS B 31 -28.21 -0.11 -19.82
C HIS B 31 -29.44 -0.21 -20.72
N SER B 32 -30.59 0.18 -20.20
CA SER B 32 -31.83 0.17 -20.95
C SER B 32 -31.76 1.05 -22.21
N ASN B 33 -31.05 2.18 -22.10
CA ASN B 33 -30.91 3.08 -23.24
C ASN B 33 -29.99 2.49 -24.31
N GLY B 34 -29.44 1.30 -24.02
CA GLY B 34 -28.57 0.62 -24.96
C GLY B 34 -27.08 0.83 -24.82
N ASN B 35 -26.67 1.76 -23.96
CA ASN B 35 -25.24 2.07 -23.77
C ASN B 35 -24.61 1.28 -22.62
N THR B 36 -23.37 0.85 -22.82
CA THR B 36 -22.64 0.14 -21.78
C THR B 36 -21.70 1.14 -21.13
N TYR B 37 -21.88 1.35 -19.84
CA TYR B 37 -21.06 2.29 -19.08
C TYR B 37 -19.91 1.60 -18.34
N LEU B 38 -18.92 1.14 -19.10
CA LEU B 38 -17.75 0.48 -18.54
C LEU B 38 -16.53 1.35 -18.75
N GLU B 39 -15.82 1.62 -17.68
CA GLU B 39 -14.63 2.45 -17.74
C GLU B 39 -13.42 1.75 -17.18
N TRP B 40 -12.25 2.29 -17.52
CA TRP B 40 -10.98 1.77 -17.06
C TRP B 40 -10.22 2.93 -16.41
N TYR B 41 -9.64 2.66 -15.25
CA TYR B 41 -8.87 3.65 -14.47
C TYR B 41 -7.50 3.11 -14.13
N LEU B 42 -6.51 4.00 -14.12
CA LEU B 42 -5.15 3.62 -13.76
C LEU B 42 -4.78 4.39 -12.51
N GLN B 43 -4.28 3.67 -11.51
CA GLN B 43 -3.88 4.33 -10.30
C GLN B 43 -2.41 4.06 -10.02
N LYS B 44 -1.58 5.08 -10.19
CA LYS B 44 -0.16 4.97 -9.89
C LYS B 44 -0.13 5.11 -8.37
N PRO B 45 0.82 4.44 -7.68
CA PRO B 45 0.89 4.53 -6.21
C PRO B 45 1.01 5.95 -5.65
N GLY B 46 0.25 6.21 -4.59
CA GLY B 46 0.27 7.52 -3.97
C GLY B 46 -0.45 8.56 -4.80
N GLN B 47 -1.18 8.10 -5.81
CA GLN B 47 -1.92 9.00 -6.69
C GLN B 47 -3.38 8.62 -6.80
N SER B 48 -4.16 9.56 -7.30
CA SER B 48 -5.58 9.36 -7.51
C SER B 48 -5.77 8.61 -8.81
N PRO B 49 -6.87 7.83 -8.93
CA PRO B 49 -7.14 7.09 -10.16
C PRO B 49 -7.38 8.06 -11.32
N LYS B 50 -6.84 7.74 -12.48
CA LYS B 50 -7.04 8.61 -13.64
C LYS B 50 -7.81 7.86 -14.74
N LEU B 51 -8.77 8.55 -15.35
CA LEU B 51 -9.61 7.98 -16.41
C LEU B 51 -8.81 7.63 -17.66
N LEU B 52 -9.03 6.42 -18.17
CA LEU B 52 -8.33 5.93 -19.36
C LEU B 52 -9.27 5.75 -20.55
N ILE B 53 -10.25 4.86 -20.35
CA ILE B 53 -11.26 4.50 -21.33
C ILE B 53 -12.67 4.65 -20.75
N TYR B 54 -13.59 5.12 -21.59
CA TYR B 54 -14.98 5.28 -21.21
C TYR B 54 -15.90 4.64 -22.25
N LYS B 55 -17.07 4.19 -21.80
CA LYS B 55 -18.03 3.54 -22.68
C LYS B 55 -17.40 2.37 -23.43
N VAL B 56 -16.76 1.50 -22.68
CA VAL B 56 -16.12 0.29 -23.17
C VAL B 56 -14.89 0.44 -24.06
N SER B 57 -14.98 1.25 -25.11
CA SER B 57 -13.88 1.39 -26.05
C SER B 57 -13.39 2.79 -26.40
N ASN B 58 -13.92 3.81 -25.74
CA ASN B 58 -13.51 5.17 -26.04
C ASN B 58 -12.39 5.65 -25.15
N ARG B 59 -11.41 6.29 -25.77
CA ARG B 59 -10.26 6.79 -25.05
C ARG B 59 -10.45 8.22 -24.58
N PHE B 60 -10.25 8.45 -23.29
CA PHE B 60 -10.38 9.78 -22.72
C PHE B 60 -9.32 10.68 -23.35
N SER B 61 -9.60 11.98 -23.40
CA SER B 61 -8.67 12.95 -23.99
C SER B 61 -7.33 12.95 -23.27
N GLY B 62 -6.26 12.88 -24.05
CA GLY B 62 -4.93 12.88 -23.49
C GLY B 62 -4.35 11.50 -23.27
N VAL B 63 -5.15 10.46 -23.44
CA VAL B 63 -4.67 9.09 -23.27
C VAL B 63 -3.96 8.65 -24.54
N PRO B 64 -2.76 8.06 -24.42
CA PRO B 64 -1.94 7.58 -25.55
C PRO B 64 -2.69 6.52 -26.35
N ASP B 65 -2.47 6.50 -27.65
CA ASP B 65 -3.14 5.53 -28.51
C ASP B 65 -2.69 4.07 -28.31
N ARG B 66 -1.79 3.83 -27.35
CA ARG B 66 -1.34 2.48 -27.03
C ARG B 66 -2.48 1.78 -26.33
N PHE B 67 -3.27 2.57 -25.61
CA PHE B 67 -4.40 2.09 -24.85
C PHE B 67 -5.63 1.93 -25.72
N SER B 68 -6.24 0.74 -25.67
CA SER B 68 -7.44 0.47 -26.42
C SER B 68 -8.28 -0.50 -25.60
N GLY B 69 -9.59 -0.34 -25.64
CA GLY B 69 -10.47 -1.20 -24.90
C GLY B 69 -11.53 -1.81 -25.79
N SER B 70 -12.12 -2.92 -25.34
CA SER B 70 -13.15 -3.59 -26.11
C SER B 70 -13.91 -4.58 -25.21
N GLY B 71 -14.81 -5.33 -25.83
CA GLY B 71 -15.59 -6.30 -25.08
C GLY B 71 -17.06 -6.05 -25.34
N SER B 72 -17.92 -6.93 -24.81
CA SER B 72 -19.36 -6.78 -25.00
C SER B 72 -20.20 -7.52 -23.96
N GLY B 73 -21.12 -6.80 -23.32
CA GLY B 73 -22.02 -7.39 -22.33
C GLY B 73 -21.47 -7.88 -21.00
N THR B 74 -20.70 -8.97 -21.02
CA THR B 74 -20.12 -9.55 -19.81
C THR B 74 -18.60 -9.53 -19.76
N ASP B 75 -17.93 -9.68 -20.91
CA ASP B 75 -16.47 -9.70 -20.99
C ASP B 75 -15.87 -8.46 -21.63
N PHE B 76 -14.96 -7.80 -20.91
CA PHE B 76 -14.30 -6.58 -21.39
C PHE B 76 -12.79 -6.70 -21.32
N THR B 77 -12.08 -6.01 -22.22
CA THR B 77 -10.63 -6.09 -22.25
C THR B 77 -9.90 -4.77 -22.53
N LEU B 78 -8.79 -4.57 -21.82
CA LEU B 78 -7.96 -3.40 -22.00
C LEU B 78 -6.64 -3.90 -22.53
N LYS B 79 -6.26 -3.42 -23.71
CA LYS B 79 -5.00 -3.82 -24.32
C LYS B 79 -4.05 -2.65 -24.38
N ILE B 80 -2.78 -2.93 -24.09
CA ILE B 80 -1.74 -1.91 -24.16
C ILE B 80 -0.77 -2.49 -25.16
N SER B 81 -0.65 -1.84 -26.31
CA SER B 81 0.22 -2.29 -27.40
C SER B 81 1.73 -2.32 -27.12
N ARG B 82 2.18 -1.46 -26.21
CA ARG B 82 3.58 -1.36 -25.87
C ARG B 82 3.66 -0.70 -24.49
N VAL B 83 4.02 -1.48 -23.49
CA VAL B 83 4.11 -0.99 -22.13
C VAL B 83 5.27 -0.05 -21.87
N GLU B 84 4.93 1.14 -21.39
CA GLU B 84 5.91 2.17 -21.04
C GLU B 84 6.05 2.14 -19.53
N ALA B 85 7.11 2.77 -19.02
CA ALA B 85 7.33 2.82 -17.58
C ALA B 85 6.18 3.57 -16.91
N GLU B 86 5.63 4.57 -17.60
CA GLU B 86 4.52 5.38 -17.09
C GLU B 86 3.17 4.65 -17.03
N ASP B 87 3.14 3.39 -17.45
CA ASP B 87 1.90 2.61 -17.47
C ASP B 87 1.76 1.69 -16.28
N LEU B 88 2.79 1.63 -15.45
CA LEU B 88 2.79 0.77 -14.26
C LEU B 88 1.95 1.31 -13.12
N GLY B 89 1.10 0.44 -12.58
CA GLY B 89 0.23 0.81 -11.49
C GLY B 89 -0.89 -0.20 -11.46
N VAL B 90 -2.00 0.12 -10.81
CA VAL B 90 -3.13 -0.79 -10.73
C VAL B 90 -4.24 -0.33 -11.68
N TYR B 91 -4.78 -1.27 -12.44
CA TYR B 91 -5.85 -0.98 -13.39
C TYR B 91 -7.18 -1.49 -12.87
N TYR B 92 -8.20 -0.63 -12.86
CA TYR B 92 -9.53 -0.98 -12.39
C TYR B 92 -10.58 -0.79 -13.46
N CYS B 93 -11.47 -1.76 -13.60
CA CYS B 93 -12.56 -1.59 -14.54
C CYS B 93 -13.68 -1.17 -13.63
N PHE B 94 -14.53 -0.29 -14.14
CA PHE B 94 -15.63 0.25 -13.37
C PHE B 94 -16.94 0.16 -14.14
N GLN B 95 -18.00 -0.18 -13.42
CA GLN B 95 -19.35 -0.27 -13.98
C GLN B 95 -20.02 1.00 -13.50
N GLY B 96 -20.31 1.91 -14.42
CA GLY B 96 -20.89 3.19 -14.04
C GLY B 96 -22.40 3.35 -13.98
N SER B 97 -23.15 2.27 -14.09
CA SER B 97 -24.59 2.38 -14.04
C SER B 97 -25.22 1.42 -13.05
N LEU B 98 -26.49 1.67 -12.71
CA LEU B 98 -27.24 0.88 -11.76
C LEU B 98 -26.59 1.11 -10.41
N VAL B 99 -25.65 0.23 -10.05
CA VAL B 99 -24.89 0.35 -8.81
C VAL B 99 -23.43 0.34 -9.23
N PRO B 100 -22.81 1.53 -9.29
CA PRO B 100 -21.39 1.62 -9.68
C PRO B 100 -20.56 0.63 -8.90
N THR B 101 -19.77 -0.16 -9.63
CA THR B 101 -18.94 -1.19 -9.03
C THR B 101 -17.59 -1.31 -9.71
N PHE B 102 -16.54 -1.28 -8.91
CA PHE B 102 -15.18 -1.40 -9.43
C PHE B 102 -14.77 -2.86 -9.45
N GLY B 103 -13.76 -3.17 -10.25
CA GLY B 103 -13.23 -4.51 -10.30
C GLY B 103 -12.11 -4.51 -9.27
N GLY B 104 -11.64 -5.70 -8.88
CA GLY B 104 -10.57 -5.82 -7.90
C GLY B 104 -9.22 -5.23 -8.28
N GLY B 105 -9.02 -4.93 -9.55
CA GLY B 105 -7.77 -4.35 -9.98
C GLY B 105 -6.73 -5.36 -10.38
N THR B 106 -5.91 -4.97 -11.37
CA THR B 106 -4.84 -5.80 -11.88
C THR B 106 -3.58 -4.97 -11.76
N LYS B 107 -2.56 -5.46 -11.06
CA LYS B 107 -1.32 -4.71 -10.90
C LYS B 107 -0.30 -5.03 -11.97
N LEU B 108 0.03 -4.04 -12.80
CA LEU B 108 1.00 -4.21 -13.86
C LEU B 108 2.39 -3.92 -13.30
N GLU B 109 3.25 -4.91 -13.38
CA GLU B 109 4.61 -4.76 -12.88
C GLU B 109 5.60 -5.24 -13.92
N ILE B 110 6.89 -5.08 -13.62
CA ILE B 110 7.96 -5.49 -14.52
C ILE B 110 8.42 -6.93 -14.35
N LYS B 111 8.67 -7.60 -15.47
CA LYS B 111 9.14 -8.97 -15.45
C LYS B 111 10.66 -8.95 -15.51
N ARG B 112 11.30 -9.77 -14.69
CA ARG B 112 12.75 -9.85 -14.68
C ARG B 112 13.14 -11.31 -14.45
N ALA B 113 14.43 -11.59 -14.54
CA ALA B 113 14.94 -12.94 -14.35
C ALA B 113 14.80 -13.31 -12.87
N ASP B 114 14.76 -14.61 -12.60
CA ASP B 114 14.63 -15.04 -11.22
C ASP B 114 15.84 -14.62 -10.41
N ALA B 115 15.61 -14.37 -9.13
CA ALA B 115 16.69 -13.96 -8.23
C ALA B 115 16.42 -14.54 -6.87
N ALA B 116 17.38 -15.30 -6.37
CA ALA B 116 17.28 -15.92 -5.06
C ALA B 116 17.54 -14.86 -3.99
N PRO B 117 16.80 -14.93 -2.87
CA PRO B 117 16.97 -13.98 -1.77
C PRO B 117 18.27 -14.14 -0.98
N THR B 118 18.75 -13.03 -0.44
CA THR B 118 19.96 -12.99 0.39
C THR B 118 19.40 -12.86 1.80
N VAL B 119 19.48 -13.92 2.59
CA VAL B 119 18.96 -13.90 3.95
C VAL B 119 19.98 -13.50 5.01
N SER B 120 19.53 -12.69 5.97
CA SER B 120 20.36 -12.20 7.07
C SER B 120 19.52 -12.26 8.34
N ILE B 121 20.08 -12.87 9.39
CA ILE B 121 19.38 -13.00 10.67
C ILE B 121 20.05 -12.13 11.73
N PHE B 122 19.25 -11.50 12.59
CA PHE B 122 19.79 -10.61 13.63
C PHE B 122 19.24 -10.88 15.03
N PRO B 123 20.11 -11.15 16.00
CA PRO B 123 19.70 -11.41 17.38
C PRO B 123 19.16 -10.13 18.00
N PRO B 124 18.41 -10.24 19.11
CA PRO B 124 17.86 -9.06 19.77
C PRO B 124 18.99 -8.14 20.20
N SER B 125 18.74 -6.84 20.24
CA SER B 125 19.77 -5.92 20.65
C SER B 125 19.87 -5.90 22.17
N SER B 126 21.05 -5.56 22.67
CA SER B 126 21.30 -5.49 24.12
C SER B 126 20.34 -4.48 24.77
N GLU B 127 20.13 -3.36 24.08
CA GLU B 127 19.24 -2.30 24.54
C GLU B 127 17.80 -2.78 24.68
N GLN B 128 17.38 -3.63 23.77
CA GLN B 128 16.02 -4.17 23.78
C GLN B 128 15.85 -5.25 24.83
N LEU B 129 16.88 -6.06 25.02
CA LEU B 129 16.83 -7.12 26.03
C LEU B 129 16.77 -6.50 27.42
N THR B 130 17.49 -5.41 27.59
CA THR B 130 17.55 -4.68 28.85
C THR B 130 16.14 -4.21 29.27
N SER B 131 15.24 -4.07 28.30
CA SER B 131 13.88 -3.61 28.57
C SER B 131 12.84 -4.74 28.63
N GLY B 132 13.31 -5.98 28.59
CA GLY B 132 12.39 -7.12 28.66
C GLY B 132 11.80 -7.56 27.33
N GLY B 133 12.32 -7.02 26.22
CA GLY B 133 11.82 -7.40 24.92
C GLY B 133 12.85 -8.20 24.17
N ALA B 134 12.42 -8.94 23.15
CA ALA B 134 13.33 -9.76 22.34
C ALA B 134 12.86 -9.97 20.90
N SER B 135 13.22 -9.05 20.01
CA SER B 135 12.85 -9.13 18.61
C SER B 135 14.00 -9.72 17.78
N VAL B 136 13.74 -10.85 17.14
CA VAL B 136 14.73 -11.49 16.28
C VAL B 136 14.27 -11.09 14.88
N VAL B 137 15.14 -10.42 14.13
CA VAL B 137 14.81 -9.94 12.80
C VAL B 137 15.50 -10.72 11.70
N CYS B 138 14.79 -10.89 10.59
CA CYS B 138 15.31 -11.60 9.44
C CYS B 138 14.97 -10.84 8.15
N PHE B 139 16.00 -10.41 7.43
CA PHE B 139 15.84 -9.69 6.17
C PHE B 139 16.03 -10.66 5.00
N LEU B 140 15.11 -10.63 4.05
CA LEU B 140 15.21 -11.49 2.88
C LEU B 140 15.18 -10.51 1.72
N ASN B 141 16.37 -10.14 1.26
CA ASN B 141 16.54 -9.16 0.20
C ASN B 141 16.74 -9.65 -1.22
N ASN B 142 16.46 -8.73 -2.13
CA ASN B 142 16.64 -8.88 -3.57
C ASN B 142 16.32 -10.19 -4.26
N PHE B 143 15.06 -10.60 -4.18
CA PHE B 143 14.61 -11.82 -4.81
C PHE B 143 13.53 -11.54 -5.85
N TYR B 144 13.24 -12.56 -6.65
CA TYR B 144 12.24 -12.47 -7.68
C TYR B 144 11.94 -13.89 -8.14
N PRO B 145 10.66 -14.25 -8.28
CA PRO B 145 9.47 -13.42 -8.07
C PRO B 145 9.13 -13.13 -6.60
N LYS B 146 8.11 -12.31 -6.41
CA LYS B 146 7.67 -11.90 -5.08
C LYS B 146 7.14 -12.96 -4.15
N ASP B 147 6.78 -14.11 -4.70
CA ASP B 147 6.23 -15.20 -3.90
C ASP B 147 7.31 -15.86 -3.07
N ILE B 148 7.12 -15.84 -1.77
CA ILE B 148 8.09 -16.43 -0.87
C ILE B 148 7.39 -16.73 0.45
N ASN B 149 7.91 -17.73 1.16
CA ASN B 149 7.39 -18.12 2.47
C ASN B 149 8.56 -18.20 3.46
N VAL B 150 8.31 -17.73 4.68
CA VAL B 150 9.32 -17.75 5.74
C VAL B 150 8.78 -18.48 6.96
N LYS B 151 9.55 -19.43 7.46
CA LYS B 151 9.18 -20.19 8.64
C LYS B 151 10.20 -19.93 9.73
N TRP B 152 9.71 -19.63 10.93
CA TRP B 152 10.58 -19.39 12.07
C TRP B 152 10.64 -20.67 12.91
N LYS B 153 11.80 -20.96 13.45
CA LYS B 153 11.96 -22.14 14.28
C LYS B 153 12.75 -21.80 15.53
N ILE B 154 12.27 -22.29 16.67
CA ILE B 154 12.95 -22.05 17.92
C ILE B 154 13.33 -23.42 18.44
N ASP B 155 14.64 -23.67 18.54
CA ASP B 155 15.18 -24.95 19.00
C ASP B 155 14.70 -26.11 18.12
N GLY B 156 14.25 -25.79 16.91
CA GLY B 156 13.76 -26.80 15.98
C GLY B 156 12.25 -26.75 15.80
N SER B 157 11.56 -26.33 16.86
CA SER B 157 10.11 -26.22 16.87
C SER B 157 9.68 -24.98 16.09
N GLU B 158 8.66 -25.14 15.25
CA GLU B 158 8.15 -24.03 14.46
C GLU B 158 7.40 -23.05 15.35
N ARG B 159 7.42 -21.78 14.97
CA ARG B 159 6.75 -20.74 15.73
C ARG B 159 5.97 -19.83 14.79
N GLN B 160 4.67 -19.70 15.02
CA GLN B 160 3.82 -18.85 14.18
C GLN B 160 3.36 -17.58 14.88
N ASN B 161 3.25 -17.64 16.21
CA ASN B 161 2.80 -16.50 16.99
C ASN B 161 3.94 -15.50 17.22
N GLY B 162 3.66 -14.21 17.06
CA GLY B 162 4.66 -13.19 17.27
C GLY B 162 5.38 -12.70 16.04
N VAL B 163 5.12 -13.34 14.90
CA VAL B 163 5.75 -12.97 13.64
C VAL B 163 5.06 -11.81 12.92
N LEU B 164 5.88 -10.91 12.39
CA LEU B 164 5.42 -9.72 11.67
C LEU B 164 6.23 -9.57 10.40
N ASN B 165 5.54 -9.65 9.26
CA ASN B 165 6.22 -9.52 7.97
C ASN B 165 5.89 -8.25 7.24
N SER B 166 6.82 -7.79 6.42
CA SER B 166 6.61 -6.59 5.62
C SER B 166 7.37 -6.72 4.31
N TRP B 167 6.70 -6.37 3.22
CA TRP B 167 7.27 -6.42 1.88
C TRP B 167 7.43 -5.04 1.30
N THR B 168 8.52 -4.84 0.56
CA THR B 168 8.72 -3.57 -0.08
C THR B 168 8.02 -3.69 -1.42
N ASP B 169 7.78 -2.56 -2.09
CA ASP B 169 7.17 -2.63 -3.41
C ASP B 169 8.31 -3.05 -4.35
N GLN B 170 8.00 -3.36 -5.60
CA GLN B 170 9.05 -3.76 -6.54
C GLN B 170 10.16 -2.72 -6.61
N ASP B 171 11.41 -3.15 -6.42
CA ASP B 171 12.54 -2.24 -6.46
C ASP B 171 12.54 -1.42 -7.75
N SER B 172 12.64 -0.10 -7.59
CA SER B 172 12.64 0.84 -8.70
C SER B 172 13.87 0.78 -9.60
N LYS B 173 14.92 0.08 -9.18
CA LYS B 173 16.11 -0.04 -9.99
C LYS B 173 16.29 -1.41 -10.61
N ASP B 174 16.35 -2.45 -9.78
CA ASP B 174 16.53 -3.80 -10.28
C ASP B 174 15.27 -4.68 -10.37
N SER B 175 14.10 -4.12 -10.03
CA SER B 175 12.82 -4.83 -10.11
C SER B 175 12.67 -6.06 -9.22
N THR B 176 13.49 -6.16 -8.19
CA THR B 176 13.43 -7.27 -7.25
C THR B 176 12.53 -6.86 -6.09
N TYR B 177 12.25 -7.78 -5.20
CA TYR B 177 11.43 -7.52 -4.02
C TYR B 177 12.21 -7.91 -2.78
N SER B 178 11.88 -7.30 -1.64
CA SER B 178 12.52 -7.62 -0.38
C SER B 178 11.45 -7.69 0.69
N MET B 179 11.75 -8.40 1.77
CA MET B 179 10.79 -8.49 2.85
C MET B 179 11.53 -8.60 4.16
N SER B 180 10.81 -8.28 5.23
CA SER B 180 11.34 -8.32 6.58
C SER B 180 10.39 -9.16 7.40
N SER B 181 10.94 -10.06 8.20
CA SER B 181 10.15 -10.91 9.07
C SER B 181 10.73 -10.76 10.46
N THR B 182 9.91 -10.30 11.39
CA THR B 182 10.35 -10.10 12.77
C THR B 182 9.61 -11.03 13.71
N LEU B 183 10.34 -11.65 14.63
CA LEU B 183 9.73 -12.54 15.61
C LEU B 183 9.93 -11.90 16.97
N THR B 184 8.84 -11.45 17.58
CA THR B 184 8.93 -10.83 18.89
C THR B 184 8.55 -11.76 20.05
N LEU B 185 9.44 -11.85 21.02
CA LEU B 185 9.27 -12.69 22.20
C LEU B 185 9.54 -11.79 23.41
N THR B 186 9.55 -12.39 24.59
CA THR B 186 9.86 -11.67 25.80
C THR B 186 11.30 -12.05 26.08
N LYS B 187 12.03 -11.24 26.84
CA LYS B 187 13.41 -11.54 27.16
C LYS B 187 13.50 -12.90 27.83
N ASP B 188 12.53 -13.19 28.69
CA ASP B 188 12.46 -14.46 29.43
C ASP B 188 12.35 -15.63 28.48
N GLU B 189 11.33 -15.58 27.63
CA GLU B 189 11.06 -16.62 26.64
C GLU B 189 12.24 -16.79 25.68
N TYR B 190 12.85 -15.68 25.30
CA TYR B 190 13.99 -15.70 24.41
C TYR B 190 15.16 -16.40 25.07
N GLU B 191 15.37 -16.12 26.35
CA GLU B 191 16.47 -16.72 27.09
C GLU B 191 16.28 -18.17 27.48
N ARG B 192 15.03 -18.63 27.46
CA ARG B 192 14.73 -20.03 27.79
C ARG B 192 15.07 -20.97 26.63
N HIS B 193 15.46 -20.39 25.49
CA HIS B 193 15.81 -21.18 24.30
C HIS B 193 17.14 -20.76 23.68
N ASN B 194 17.77 -21.68 22.97
CA ASN B 194 19.07 -21.42 22.40
C ASN B 194 19.21 -21.19 20.90
N SER B 195 18.51 -21.96 20.08
CA SER B 195 18.62 -21.81 18.64
C SER B 195 17.46 -21.08 17.94
N TYR B 196 17.81 -20.17 17.05
CA TYR B 196 16.81 -19.42 16.31
C TYR B 196 17.04 -19.56 14.83
N THR B 197 15.98 -19.92 14.12
CA THR B 197 16.09 -20.19 12.70
C THR B 197 15.05 -19.50 11.84
N CYS B 198 15.54 -18.90 10.76
CA CYS B 198 14.74 -18.21 9.78
C CYS B 198 14.98 -18.91 8.45
N GLU B 199 13.97 -19.60 7.93
CA GLU B 199 14.15 -20.27 6.66
C GLU B 199 13.15 -19.84 5.63
N ALA B 200 13.64 -19.69 4.41
CA ALA B 200 12.82 -19.27 3.29
C ALA B 200 12.67 -20.33 2.23
N THR B 201 11.48 -20.40 1.65
CA THR B 201 11.21 -21.32 0.57
C THR B 201 10.85 -20.46 -0.64
N HIS B 202 11.73 -20.48 -1.63
CA HIS B 202 11.57 -19.72 -2.86
C HIS B 202 11.82 -20.67 -4.03
N LYS B 203 11.23 -20.38 -5.19
CA LYS B 203 11.37 -21.21 -6.39
C LYS B 203 12.80 -21.32 -6.94
N THR B 204 13.67 -20.38 -6.59
CA THR B 204 15.06 -20.39 -7.06
C THR B 204 15.90 -21.39 -6.30
N SER B 205 15.25 -22.17 -5.46
CA SER B 205 15.97 -23.15 -4.66
C SER B 205 15.11 -24.35 -4.34
N THR B 206 15.68 -25.54 -4.54
CA THR B 206 14.99 -26.80 -4.26
C THR B 206 14.89 -27.04 -2.75
N SER B 207 15.95 -26.68 -2.04
CA SER B 207 16.02 -26.82 -0.60
C SER B 207 15.75 -25.45 0.03
N PRO B 208 15.29 -25.41 1.29
CA PRO B 208 15.03 -24.11 1.93
C PRO B 208 16.31 -23.33 2.22
N ILE B 209 16.19 -22.01 2.15
CA ILE B 209 17.31 -21.12 2.40
C ILE B 209 17.21 -20.80 3.88
N VAL B 210 18.22 -21.25 4.61
CA VAL B 210 18.27 -21.12 6.06
C VAL B 210 19.33 -20.18 6.66
N LYS B 211 18.98 -19.54 7.77
CA LYS B 211 19.86 -18.66 8.52
C LYS B 211 19.50 -18.87 9.98
N SER B 212 20.45 -19.38 10.75
CA SER B 212 20.23 -19.66 12.16
C SER B 212 21.35 -19.13 13.05
N PHE B 213 21.08 -19.07 14.34
CA PHE B 213 22.09 -18.64 15.29
C PHE B 213 21.73 -19.21 16.66
N ASN B 214 22.77 -19.47 17.44
CA ASN B 214 22.61 -20.00 18.79
C ASN B 214 22.98 -18.85 19.70
N ARG B 215 22.05 -18.44 20.57
CA ARG B 215 22.35 -17.33 21.46
C ARG B 215 23.45 -17.63 22.48
N ASN B 216 23.97 -18.85 22.45
CA ASN B 216 25.04 -19.26 23.36
C ASN B 216 26.35 -19.49 22.60
N GLU C 1 -10.50 24.92 -16.04
CA GLU C 1 -9.65 24.00 -15.23
C GLU C 1 -10.42 23.52 -14.00
N VAL C 2 -10.93 22.30 -14.06
CA VAL C 2 -11.69 21.73 -12.95
C VAL C 2 -10.78 21.18 -11.86
N GLN C 3 -11.07 21.57 -10.62
CA GLN C 3 -10.30 21.12 -9.48
C GLN C 3 -11.23 20.67 -8.38
N LEU C 4 -10.81 19.65 -7.64
CA LEU C 4 -11.56 19.12 -6.51
C LEU C 4 -10.57 19.05 -5.36
N GLN C 5 -10.61 20.06 -4.49
CA GLN C 5 -9.71 20.13 -3.36
C GLN C 5 -10.32 19.49 -2.13
N GLN C 6 -9.71 18.41 -1.66
CA GLN C 6 -10.20 17.73 -0.48
C GLN C 6 -9.49 18.19 0.78
N SER C 7 -10.13 17.92 1.93
CA SER C 7 -9.55 18.30 3.22
C SER C 7 -8.40 17.39 3.64
N GLY C 8 -7.62 17.85 4.62
CA GLY C 8 -6.44 17.14 5.07
C GLY C 8 -6.60 15.87 5.87
N THR C 9 -5.47 15.22 6.09
CA THR C 9 -5.38 13.97 6.83
C THR C 9 -6.09 14.09 8.17
N VAL C 10 -6.87 13.08 8.51
CA VAL C 10 -7.62 13.08 9.75
C VAL C 10 -7.24 11.91 10.65
N LEU C 11 -7.08 12.18 11.93
CA LEU C 11 -6.77 11.14 12.90
C LEU C 11 -7.98 11.10 13.82
N ALA C 12 -8.70 9.99 13.83
CA ALA C 12 -9.90 9.87 14.66
C ALA C 12 -9.86 8.70 15.63
N ARG C 13 -10.79 8.72 16.59
CA ARG C 13 -10.91 7.66 17.60
C ARG C 13 -12.10 6.78 17.23
N PRO C 14 -12.06 5.50 17.65
CA PRO C 14 -13.13 4.53 17.39
C PRO C 14 -14.48 5.01 17.94
N GLY C 15 -15.54 4.84 17.16
CA GLY C 15 -16.86 5.26 17.60
C GLY C 15 -17.22 6.69 17.27
N ALA C 16 -16.20 7.51 16.99
CA ALA C 16 -16.40 8.91 16.66
C ALA C 16 -16.94 9.13 15.25
N SER C 17 -17.00 10.39 14.82
CA SER C 17 -17.48 10.76 13.50
C SER C 17 -16.49 11.70 12.87
N VAL C 18 -16.38 11.64 11.55
CA VAL C 18 -15.48 12.51 10.82
C VAL C 18 -16.22 13.11 9.62
N LYS C 19 -16.20 14.43 9.53
CA LYS C 19 -16.85 15.11 8.42
C LYS C 19 -15.77 15.68 7.52
N MET C 20 -15.68 15.17 6.29
CA MET C 20 -14.67 15.67 5.35
C MET C 20 -15.29 16.45 4.19
N SER C 21 -14.52 17.40 3.64
CA SER C 21 -15.00 18.22 2.54
C SER C 21 -14.29 18.00 1.22
N CYS C 22 -14.93 18.48 0.15
CA CYS C 22 -14.43 18.38 -1.19
C CYS C 22 -14.91 19.64 -1.89
N LYS C 23 -14.02 20.63 -2.02
CA LYS C 23 -14.36 21.90 -2.67
C LYS C 23 -14.24 21.76 -4.17
N ALA C 24 -15.35 21.96 -4.88
CA ALA C 24 -15.38 21.87 -6.34
C ALA C 24 -15.22 23.23 -7.00
N SER C 25 -14.37 23.29 -8.03
CA SER C 25 -14.11 24.52 -8.74
C SER C 25 -13.83 24.33 -10.23
N GLY C 26 -14.24 25.32 -11.02
CA GLY C 26 -14.03 25.27 -12.46
C GLY C 26 -15.21 24.79 -13.28
N TYR C 27 -16.32 24.47 -12.63
CA TYR C 27 -17.50 23.98 -13.35
C TYR C 27 -18.75 24.23 -12.53
N SER C 28 -19.90 23.96 -13.15
CA SER C 28 -21.19 24.12 -12.48
C SER C 28 -21.41 22.95 -11.53
N PHE C 29 -21.03 23.17 -10.28
CA PHE C 29 -21.12 22.18 -9.20
C PHE C 29 -22.49 21.49 -9.10
N THR C 30 -23.55 22.25 -9.28
CA THR C 30 -24.91 21.72 -9.19
C THR C 30 -25.32 20.81 -10.35
N SER C 31 -24.69 21.02 -11.51
CA SER C 31 -24.98 20.27 -12.72
C SER C 31 -24.40 18.87 -12.83
N PHE C 32 -23.63 18.43 -11.83
CA PHE C 32 -23.00 17.11 -11.89
C PHE C 32 -23.09 16.28 -10.63
N TRP C 33 -23.18 14.96 -10.83
CA TRP C 33 -23.23 14.02 -9.73
C TRP C 33 -21.83 13.94 -9.12
N MET C 34 -21.74 14.03 -7.80
CA MET C 34 -20.48 13.93 -7.08
C MET C 34 -20.43 12.54 -6.46
N HIS C 35 -19.37 11.80 -6.77
CA HIS C 35 -19.21 10.44 -6.26
C HIS C 35 -18.15 10.31 -5.21
N TRP C 36 -18.32 9.36 -4.30
CA TRP C 36 -17.35 9.14 -3.24
C TRP C 36 -16.81 7.73 -3.29
N VAL C 37 -15.49 7.62 -3.28
CA VAL C 37 -14.79 6.34 -3.35
C VAL C 37 -13.87 6.11 -2.15
N LYS C 38 -13.86 4.88 -1.68
CA LYS C 38 -13.06 4.48 -0.53
C LYS C 38 -11.94 3.55 -0.95
N GLN C 39 -10.82 3.63 -0.25
CA GLN C 39 -9.70 2.75 -0.54
C GLN C 39 -8.93 2.42 0.73
N ARG C 40 -9.27 1.29 1.35
CA ARG C 40 -8.58 0.85 2.54
C ARG C 40 -7.14 0.63 2.14
N PRO C 41 -6.19 0.88 3.05
CA PRO C 41 -4.76 0.70 2.76
C PRO C 41 -4.41 -0.64 2.09
N GLY C 42 -3.82 -0.55 0.90
CA GLY C 42 -3.42 -1.73 0.16
C GLY C 42 -4.53 -2.56 -0.46
N GLN C 43 -5.77 -2.08 -0.38
CA GLN C 43 -6.90 -2.80 -0.96
C GLN C 43 -7.39 -2.07 -2.22
N GLY C 44 -8.49 -2.55 -2.80
CA GLY C 44 -9.00 -1.91 -3.99
C GLY C 44 -9.87 -0.71 -3.73
N LEU C 45 -10.49 -0.21 -4.79
CA LEU C 45 -11.39 0.93 -4.71
C LEU C 45 -12.83 0.43 -4.50
N GLU C 46 -13.56 1.10 -3.61
CA GLU C 46 -14.96 0.78 -3.29
C GLU C 46 -15.81 2.02 -3.49
N TRP C 47 -16.96 1.86 -4.11
CA TRP C 47 -17.86 2.98 -4.35
C TRP C 47 -18.78 3.10 -3.13
N ILE C 48 -18.80 4.29 -2.53
CA ILE C 48 -19.63 4.57 -1.36
C ILE C 48 -21.03 5.04 -1.75
N GLY C 49 -21.09 6.15 -2.47
CA GLY C 49 -22.37 6.68 -2.89
C GLY C 49 -22.17 7.95 -3.68
N THR C 50 -23.28 8.54 -4.11
CA THR C 50 -23.22 9.77 -4.88
C THR C 50 -24.30 10.74 -4.42
N ILE C 51 -24.15 12.00 -4.80
CA ILE C 51 -25.11 13.03 -4.47
C ILE C 51 -25.20 13.97 -5.66
N TYR C 52 -26.39 14.51 -5.91
CA TYR C 52 -26.56 15.45 -6.99
C TYR C 52 -26.79 16.81 -6.32
N PRO C 53 -25.72 17.62 -6.23
CA PRO C 53 -25.75 18.95 -5.62
C PRO C 53 -26.95 19.82 -5.93
N GLY C 54 -27.44 19.75 -7.17
CA GLY C 54 -28.58 20.57 -7.54
C GLY C 54 -29.83 20.39 -6.71
N ASN C 55 -30.31 19.15 -6.61
CA ASN C 55 -31.52 18.84 -5.86
C ASN C 55 -31.27 18.02 -4.60
N SER C 56 -29.99 17.78 -4.30
CA SER C 56 -29.59 17.02 -3.13
C SER C 56 -30.02 15.55 -3.15
N ASP C 57 -30.14 14.96 -4.34
CA ASP C 57 -30.51 13.54 -4.48
C ASP C 57 -29.27 12.74 -4.16
N THR C 58 -29.42 11.71 -3.34
CA THR C 58 -28.29 10.89 -2.97
C THR C 58 -28.57 9.41 -3.22
N SER C 59 -27.52 8.66 -3.50
CA SER C 59 -27.63 7.24 -3.73
C SER C 59 -26.45 6.58 -3.04
N TYR C 60 -26.73 5.52 -2.29
CA TYR C 60 -25.69 4.84 -1.53
C TYR C 60 -25.52 3.35 -1.83
N ASN C 61 -24.31 2.89 -1.57
CA ASN C 61 -23.95 1.50 -1.70
C ASN C 61 -24.61 0.95 -0.41
N GLN C 62 -25.45 -0.08 -0.56
CA GLN C 62 -26.16 -0.70 0.56
C GLN C 62 -25.27 -0.88 1.81
N LYS C 63 -23.99 -1.10 1.57
CA LYS C 63 -22.98 -1.30 2.60
C LYS C 63 -22.69 -0.05 3.45
N PHE C 64 -22.82 1.12 2.84
CA PHE C 64 -22.55 2.38 3.51
C PHE C 64 -23.79 3.19 3.85
N LYS C 65 -24.95 2.53 3.88
CA LYS C 65 -26.20 3.19 4.21
C LYS C 65 -26.27 3.29 5.73
N GLY C 66 -26.42 4.51 6.24
CA GLY C 66 -26.45 4.70 7.68
C GLY C 66 -25.05 4.44 8.20
N LYS C 67 -24.09 5.09 7.58
CA LYS C 67 -22.67 4.98 7.92
C LYS C 67 -22.00 6.21 7.37
N ALA C 68 -22.26 6.47 6.09
CA ALA C 68 -21.73 7.64 5.39
C ALA C 68 -22.93 8.51 5.06
N LYS C 69 -22.74 9.83 5.10
CA LYS C 69 -23.81 10.77 4.80
C LYS C 69 -23.29 11.86 3.88
N LEU C 70 -23.82 11.91 2.66
CA LEU C 70 -23.41 12.90 1.70
C LEU C 70 -24.33 14.12 1.71
N THR C 71 -23.72 15.30 1.77
CA THR C 71 -24.44 16.56 1.78
C THR C 71 -23.69 17.54 0.92
N ALA C 72 -24.26 18.74 0.74
CA ALA C 72 -23.62 19.78 -0.07
C ALA C 72 -24.12 21.19 0.21
N VAL C 73 -23.20 22.14 0.16
CA VAL C 73 -23.50 23.54 0.35
C VAL C 73 -23.17 24.14 -1.00
N THR C 74 -24.18 24.13 -1.85
CA THR C 74 -24.09 24.62 -3.21
C THR C 74 -23.59 26.06 -3.27
N SER C 75 -23.83 26.78 -2.18
CA SER C 75 -23.41 28.18 -2.06
C SER C 75 -21.91 28.21 -2.03
N ALA C 76 -21.33 27.30 -1.25
CA ALA C 76 -19.90 27.18 -1.10
C ALA C 76 -19.28 26.24 -2.14
N SER C 77 -20.14 25.67 -3.00
CA SER C 77 -19.68 24.78 -4.04
C SER C 77 -18.79 23.70 -3.40
N THR C 78 -19.26 23.16 -2.27
CA THR C 78 -18.51 22.17 -1.53
C THR C 78 -19.37 20.98 -1.14
N ALA C 79 -18.84 19.79 -1.31
CA ALA C 79 -19.53 18.56 -0.96
C ALA C 79 -18.92 18.04 0.31
N TYR C 80 -19.74 17.44 1.16
CA TYR C 80 -19.27 16.90 2.41
C TYR C 80 -19.67 15.45 2.56
N MET C 81 -18.88 14.71 3.34
CA MET C 81 -19.17 13.33 3.65
C MET C 81 -18.77 13.10 5.09
N GLU C 82 -19.73 12.58 5.85
CA GLU C 82 -19.53 12.31 7.26
C GLU C 82 -19.62 10.81 7.52
N VAL C 83 -18.55 10.24 8.06
CA VAL C 83 -18.51 8.82 8.38
C VAL C 83 -18.60 8.68 9.89
N SER C 84 -19.69 8.06 10.37
CA SER C 84 -19.94 7.87 11.79
C SER C 84 -19.61 6.45 12.29
N SER C 85 -19.69 6.26 13.59
CA SER C 85 -19.39 4.98 14.24
C SER C 85 -18.07 4.39 13.80
N LEU C 86 -17.06 5.25 13.65
CA LEU C 86 -15.73 4.86 13.20
C LEU C 86 -15.13 3.61 13.84
N THR C 87 -14.67 2.69 12.99
CA THR C 87 -14.02 1.45 13.41
C THR C 87 -12.72 1.35 12.62
N ASN C 88 -11.89 0.37 12.96
CA ASN C 88 -10.60 0.15 12.28
C ASN C 88 -10.74 -0.06 10.76
N GLU C 89 -11.92 -0.49 10.33
CA GLU C 89 -12.17 -0.73 8.91
C GLU C 89 -12.54 0.53 8.18
N ASP C 90 -12.64 1.65 8.89
CA ASP C 90 -12.98 2.92 8.26
C ASP C 90 -11.74 3.70 7.92
N SER C 91 -10.58 3.15 8.31
CA SER C 91 -9.30 3.79 8.03
C SER C 91 -9.05 3.54 6.55
N ALA C 92 -8.84 4.63 5.81
CA ALA C 92 -8.62 4.53 4.38
C ALA C 92 -8.47 5.91 3.81
N VAL C 93 -8.27 5.96 2.49
CA VAL C 93 -8.19 7.23 1.77
C VAL C 93 -9.53 7.32 1.08
N TYR C 94 -10.20 8.45 1.23
CA TYR C 94 -11.50 8.66 0.61
C TYR C 94 -11.37 9.74 -0.47
N TYR C 95 -11.82 9.41 -1.68
CA TYR C 95 -11.77 10.35 -2.79
C TYR C 95 -13.15 10.82 -3.19
N CYS C 96 -13.22 12.06 -3.66
CA CYS C 96 -14.45 12.58 -4.18
C CYS C 96 -14.09 12.71 -5.66
N THR C 97 -15.07 12.45 -6.52
CA THR C 97 -14.84 12.52 -7.95
C THR C 97 -16.11 12.90 -8.68
N ARG C 98 -15.96 13.73 -9.70
CA ARG C 98 -17.07 14.17 -10.51
C ARG C 98 -17.36 13.24 -11.68
N ARG C 99 -18.64 13.01 -11.93
CA ARG C 99 -19.10 12.18 -13.04
C ARG C 99 -19.46 13.18 -14.12
N SER C 100 -18.75 13.16 -15.25
CA SER C 100 -19.03 14.10 -16.34
C SER C 100 -20.34 13.83 -17.06
N GLY C 101 -20.90 14.91 -17.62
CA GLY C 101 -22.13 14.80 -18.36
C GLY C 101 -21.84 14.43 -19.79
N TYR C 102 -22.26 15.28 -20.73
CA TYR C 102 -22.06 15.01 -22.14
C TYR C 102 -20.62 14.76 -22.58
N LYS C 103 -20.54 13.80 -23.50
CA LYS C 103 -19.33 13.30 -24.15
C LYS C 103 -18.78 12.09 -23.41
N TYR C 104 -17.99 12.33 -22.38
CA TYR C 104 -17.34 11.27 -21.62
C TYR C 104 -18.18 10.34 -20.75
N TYR C 105 -19.20 10.88 -20.08
CA TYR C 105 -20.04 10.07 -19.22
C TYR C 105 -19.22 9.15 -18.33
N ALA C 106 -18.25 9.73 -17.62
CA ALA C 106 -17.37 8.99 -16.73
C ALA C 106 -16.85 9.90 -15.63
N LEU C 107 -16.12 9.33 -14.69
CA LEU C 107 -15.53 10.08 -13.58
C LEU C 107 -14.23 10.67 -14.11
N ASP C 108 -14.31 11.83 -14.76
CA ASP C 108 -13.14 12.45 -15.34
C ASP C 108 -12.21 13.22 -14.39
N TYR C 109 -12.77 13.76 -13.31
CA TYR C 109 -12.01 14.51 -12.31
C TYR C 109 -12.12 13.94 -10.91
N TRP C 110 -10.95 13.75 -10.28
CA TRP C 110 -10.85 13.20 -8.93
C TRP C 110 -10.18 14.19 -7.97
N GLY C 111 -10.47 14.04 -6.69
CA GLY C 111 -9.83 14.87 -5.68
C GLY C 111 -8.52 14.18 -5.34
N GLN C 112 -7.73 14.74 -4.45
CA GLN C 112 -6.46 14.11 -4.09
C GLN C 112 -6.61 13.08 -2.97
N GLY C 113 -7.80 13.01 -2.38
CA GLY C 113 -8.05 12.07 -1.31
C GLY C 113 -7.82 12.59 0.10
N THR C 114 -8.57 12.06 1.05
CA THR C 114 -8.45 12.42 2.46
C THR C 114 -8.15 11.15 3.22
N SER C 115 -6.96 11.07 3.83
CA SER C 115 -6.61 9.88 4.60
C SER C 115 -7.14 10.01 6.01
N VAL C 116 -7.93 9.02 6.41
CA VAL C 116 -8.51 8.98 7.74
C VAL C 116 -7.87 7.82 8.47
N THR C 117 -7.46 8.06 9.70
CA THR C 117 -6.84 7.02 10.52
C THR C 117 -7.64 6.88 11.81
N VAL C 118 -8.26 5.72 12.00
CA VAL C 118 -9.06 5.47 13.18
C VAL C 118 -8.32 4.61 14.21
N SER C 119 -7.82 5.25 15.26
CA SER C 119 -7.07 4.53 16.30
C SER C 119 -7.23 5.19 17.66
N SER C 120 -7.28 4.35 18.68
CA SER C 120 -7.41 4.81 20.06
C SER C 120 -6.04 4.94 20.74
N ALA C 121 -4.98 4.78 19.97
CA ALA C 121 -3.63 4.89 20.50
C ALA C 121 -3.25 6.34 20.65
N LYS C 122 -2.38 6.62 21.62
CA LYS C 122 -1.92 7.98 21.85
C LYS C 122 -0.51 8.10 21.27
N THR C 123 -0.09 9.32 20.97
CA THR C 123 1.23 9.57 20.42
C THR C 123 2.29 8.85 21.26
N THR C 124 2.94 7.87 20.66
CA THR C 124 3.98 7.11 21.33
C THR C 124 5.26 7.18 20.53
N ALA C 125 6.33 7.65 21.17
CA ALA C 125 7.63 7.75 20.53
C ALA C 125 8.21 6.36 20.26
N PRO C 126 9.00 6.23 19.18
CA PRO C 126 9.63 4.96 18.79
C PRO C 126 10.87 4.52 19.55
N SER C 127 11.06 3.21 19.60
CA SER C 127 12.21 2.60 20.22
C SER C 127 13.08 2.17 19.05
N VAL C 128 14.21 2.84 18.90
CA VAL C 128 15.15 2.57 17.84
C VAL C 128 16.25 1.66 18.35
N TYR C 129 16.27 0.43 17.84
CA TYR C 129 17.28 -0.55 18.24
C TYR C 129 18.17 -0.90 17.05
N PRO C 130 19.50 -0.89 17.26
CA PRO C 130 20.47 -1.20 16.21
C PRO C 130 20.57 -2.72 15.97
N LEU C 131 20.59 -3.12 14.70
CA LEU C 131 20.68 -4.54 14.32
C LEU C 131 22.05 -4.83 13.72
N ALA C 132 22.88 -5.47 14.51
CA ALA C 132 24.24 -5.83 14.11
C ALA C 132 24.32 -7.31 13.77
N PRO C 133 25.23 -7.68 12.87
CA PRO C 133 25.44 -9.06 12.44
C PRO C 133 25.60 -10.01 13.62
N VAL C 134 25.28 -11.28 13.38
CA VAL C 134 25.41 -12.31 14.41
C VAL C 134 26.88 -12.35 14.86
N CYS C 135 27.09 -12.58 16.15
CA CYS C 135 28.44 -12.63 16.72
C CYS C 135 29.19 -13.89 16.26
N GLY C 140 32.24 -13.70 2.45
CA GLY C 140 31.36 -12.51 2.69
C GLY C 140 32.07 -11.16 2.61
N SER C 141 32.01 -10.53 1.43
CA SER C 141 32.64 -9.24 1.22
C SER C 141 31.63 -8.11 1.42
N SER C 142 30.48 -8.46 1.96
CA SER C 142 29.41 -7.52 2.22
C SER C 142 28.81 -7.80 3.57
N VAL C 143 28.40 -6.75 4.26
CA VAL C 143 27.78 -6.89 5.57
C VAL C 143 26.44 -6.18 5.51
N THR C 144 25.40 -6.83 6.02
CA THR C 144 24.09 -6.23 6.03
C THR C 144 23.77 -5.83 7.46
N LEU C 145 23.49 -4.54 7.63
CA LEU C 145 23.17 -3.98 8.94
C LEU C 145 21.71 -3.59 8.93
N GLY C 146 21.13 -3.43 10.11
CA GLY C 146 19.73 -3.06 10.17
C GLY C 146 19.39 -2.10 11.30
N CYS C 147 18.16 -1.62 11.29
CA CYS C 147 17.68 -0.71 12.32
C CYS C 147 16.21 -0.98 12.54
N LEU C 148 15.83 -1.23 13.80
CA LEU C 148 14.45 -1.51 14.16
C LEU C 148 13.78 -0.35 14.89
N VAL C 149 12.74 0.21 14.27
CA VAL C 149 11.97 1.29 14.85
C VAL C 149 10.67 0.65 15.32
N LYS C 150 10.62 0.22 16.58
CA LYS C 150 9.44 -0.44 17.13
C LYS C 150 8.52 0.34 18.08
N GLY C 151 7.21 0.10 17.95
CA GLY C 151 6.22 0.71 18.82
C GLY C 151 5.97 2.21 18.83
N TYR C 152 5.58 2.78 17.70
CA TYR C 152 5.28 4.21 17.63
C TYR C 152 3.89 4.46 17.05
N PHE C 153 3.44 5.70 17.17
CA PHE C 153 2.14 6.12 16.68
C PHE C 153 2.15 7.64 16.79
N PRO C 154 1.69 8.34 15.73
CA PRO C 154 1.21 7.76 14.49
C PRO C 154 2.30 7.85 13.44
N GLU C 155 1.96 7.46 12.22
CA GLU C 155 2.90 7.55 11.11
C GLU C 155 3.02 9.05 10.86
N PRO C 156 4.16 9.50 10.32
CA PRO C 156 5.29 8.64 9.96
C PRO C 156 6.57 8.95 10.72
N VAL C 157 7.61 8.19 10.39
CA VAL C 157 8.95 8.39 10.92
C VAL C 157 9.78 8.50 9.66
N THR C 158 10.96 9.10 9.78
CA THR C 158 11.83 9.22 8.64
C THR C 158 13.15 8.62 9.09
N LEU C 159 13.62 7.62 8.35
CA LEU C 159 14.84 6.91 8.67
C LEU C 159 15.94 7.15 7.63
N THR C 160 17.11 7.59 8.07
CA THR C 160 18.24 7.82 7.17
C THR C 160 19.45 7.07 7.69
N TRP C 161 20.48 6.95 6.85
CA TRP C 161 21.70 6.27 7.22
C TRP C 161 22.81 7.26 6.99
N ASN C 162 23.58 7.56 8.04
CA ASN C 162 24.67 8.54 7.98
C ASN C 162 24.19 9.89 7.46
N SER C 163 23.05 10.34 7.99
CA SER C 163 22.41 11.60 7.64
C SER C 163 21.95 11.72 6.19
N GLY C 164 22.01 10.61 5.46
CA GLY C 164 21.60 10.61 4.08
C GLY C 164 22.76 10.37 3.12
N SER C 165 23.96 10.23 3.67
CA SER C 165 25.16 9.97 2.88
C SER C 165 25.07 8.58 2.27
N LEU C 166 24.45 7.66 3.03
CA LEU C 166 24.25 6.28 2.61
C LEU C 166 22.86 6.14 2.00
N SER C 167 22.81 6.14 0.67
CA SER C 167 21.55 6.01 -0.06
C SER C 167 21.46 4.69 -0.81
N SER C 168 22.61 4.16 -1.24
CA SER C 168 22.66 2.88 -1.96
C SER C 168 22.70 1.66 -1.03
N GLY C 169 21.98 0.62 -1.43
CA GLY C 169 21.94 -0.61 -0.65
C GLY C 169 21.04 -0.58 0.56
N VAL C 170 20.12 0.37 0.59
CA VAL C 170 19.19 0.55 1.70
C VAL C 170 17.80 0.06 1.32
N HIS C 171 17.15 -0.64 2.26
CA HIS C 171 15.80 -1.14 2.07
C HIS C 171 15.01 -0.79 3.30
N THR C 172 14.11 0.18 3.17
CA THR C 172 13.28 0.58 4.29
C THR C 172 11.92 -0.08 4.06
N PHE C 173 11.56 -0.99 4.95
CA PHE C 173 10.32 -1.74 4.85
C PHE C 173 9.16 -0.96 5.44
N PRO C 174 8.02 -0.92 4.74
CA PRO C 174 6.82 -0.21 5.17
C PRO C 174 6.39 -0.59 6.58
N ALA C 175 5.88 0.38 7.33
CA ALA C 175 5.44 0.15 8.70
C ALA C 175 4.24 -0.78 8.77
N VAL C 176 4.11 -1.48 9.89
CA VAL C 176 3.01 -2.41 10.09
C VAL C 176 2.42 -2.25 11.49
N LEU C 177 1.10 -2.28 11.59
CA LEU C 177 0.43 -2.16 12.87
C LEU C 177 0.41 -3.46 13.63
N GLN C 178 1.05 -3.45 14.79
CA GLN C 178 1.11 -4.62 15.66
C GLN C 178 0.39 -4.24 16.95
N SER C 179 -0.94 -4.28 16.91
CA SER C 179 -1.79 -3.95 18.04
C SER C 179 -1.76 -2.44 18.40
N ASP C 180 -2.31 -1.63 17.50
CA ASP C 180 -2.38 -0.18 17.64
C ASP C 180 -1.08 0.63 17.53
N LEU C 181 0.06 -0.03 17.47
CA LEU C 181 1.36 0.64 17.32
C LEU C 181 2.12 0.18 16.07
N TYR C 182 2.83 1.10 15.43
CA TYR C 182 3.58 0.78 14.22
C TYR C 182 5.00 0.28 14.44
N THR C 183 5.48 -0.50 13.49
CA THR C 183 6.82 -1.03 13.52
C THR C 183 7.35 -0.95 12.11
N LEU C 184 8.61 -0.54 12.00
CA LEU C 184 9.29 -0.38 10.72
C LEU C 184 10.73 -0.83 10.89
N SER C 185 11.36 -1.26 9.80
CA SER C 185 12.75 -1.69 9.85
C SER C 185 13.46 -1.24 8.58
N SER C 186 14.77 -1.30 8.58
CA SER C 186 15.52 -0.88 7.41
C SER C 186 16.84 -1.61 7.40
N SER C 187 17.35 -1.92 6.21
CA SER C 187 18.61 -2.60 6.10
C SER C 187 19.50 -1.84 5.13
N VAL C 188 20.80 -1.86 5.38
CA VAL C 188 21.77 -1.21 4.52
C VAL C 188 22.85 -2.25 4.30
N THR C 189 23.30 -2.37 3.06
CA THR C 189 24.33 -3.35 2.75
C THR C 189 25.59 -2.64 2.28
N VAL C 190 26.68 -2.81 3.02
CA VAL C 190 27.97 -2.19 2.70
C VAL C 190 29.06 -3.25 2.62
N THR C 191 30.19 -2.90 2.01
CA THR C 191 31.30 -3.84 1.89
C THR C 191 31.87 -4.09 3.25
N SER C 192 32.64 -5.17 3.38
CA SER C 192 33.24 -5.55 4.64
C SER C 192 34.44 -4.67 5.05
N SER C 193 34.85 -3.78 4.16
CA SER C 193 35.96 -2.86 4.42
C SER C 193 35.48 -1.48 4.81
N THR C 194 34.16 -1.38 4.97
CA THR C 194 33.50 -0.14 5.34
C THR C 194 33.10 -0.24 6.80
N TRP C 195 32.58 -1.39 7.19
CA TRP C 195 32.13 -1.61 8.54
C TRP C 195 32.74 -2.91 9.06
N PRO C 196 33.16 -2.94 10.35
CA PRO C 196 33.10 -1.87 11.36
C PRO C 196 34.24 -0.86 11.34
N SER C 197 35.04 -0.88 10.28
CA SER C 197 36.17 0.04 10.14
C SER C 197 35.65 1.47 10.34
N GLN C 198 34.69 1.85 9.50
CA GLN C 198 34.06 3.17 9.56
C GLN C 198 32.72 3.11 10.30
N SER C 199 32.21 4.27 10.69
CA SER C 199 30.97 4.36 11.43
C SER C 199 29.70 4.38 10.62
N ILE C 200 28.72 3.59 11.03
CA ILE C 200 27.42 3.52 10.38
C ILE C 200 26.33 3.79 11.42
N THR C 201 25.60 4.88 11.20
CA THR C 201 24.55 5.33 12.11
C THR C 201 23.18 5.44 11.46
N CYS C 202 22.18 5.05 12.24
CA CYS C 202 20.78 5.05 11.87
C CYS C 202 20.07 6.25 12.51
N ASN C 203 19.50 7.13 11.68
CA ASN C 203 18.81 8.32 12.18
C ASN C 203 17.29 8.20 12.02
N VAL C 204 16.57 8.34 13.12
CA VAL C 204 15.14 8.24 13.12
C VAL C 204 14.47 9.50 13.68
N ALA C 205 13.48 10.01 12.96
CA ALA C 205 12.75 11.19 13.37
C ALA C 205 11.28 10.86 13.40
N HIS C 206 10.63 11.13 14.53
CA HIS C 206 9.20 10.91 14.63
C HIS C 206 8.57 12.24 14.97
N PRO C 207 8.17 13.01 13.94
CA PRO C 207 7.54 14.32 14.07
C PRO C 207 6.50 14.51 15.18
N ALA C 208 5.47 13.65 15.20
CA ALA C 208 4.40 13.73 16.18
C ALA C 208 4.83 13.72 17.65
N SER C 209 6.01 13.19 17.94
CA SER C 209 6.48 13.15 19.33
C SER C 209 7.71 14.02 19.55
N SER C 210 8.10 14.77 18.52
CA SER C 210 9.25 15.68 18.56
C SER C 210 10.53 14.91 18.89
N THR C 211 10.60 13.67 18.40
CA THR C 211 11.70 12.75 18.62
C THR C 211 12.66 12.70 17.44
N LYS C 212 13.95 12.70 17.77
CA LYS C 212 15.04 12.62 16.80
C LYS C 212 16.14 11.80 17.49
N VAL C 213 16.28 10.55 17.08
CA VAL C 213 17.25 9.61 17.63
C VAL C 213 18.29 9.17 16.61
N ASP C 214 19.53 9.00 17.06
CA ASP C 214 20.63 8.51 16.24
C ASP C 214 21.11 7.23 16.91
N LYS C 215 21.35 6.20 16.12
CA LYS C 215 21.79 4.94 16.69
C LYS C 215 22.98 4.41 15.91
N LYS C 216 24.13 4.37 16.55
CA LYS C 216 25.34 3.88 15.90
C LYS C 216 25.30 2.35 15.90
N ILE C 217 25.63 1.75 14.77
CA ILE C 217 25.62 0.30 14.68
C ILE C 217 27.00 -0.19 15.10
N GLU C 218 27.04 -0.86 16.25
CA GLU C 218 28.29 -1.37 16.81
C GLU C 218 28.33 -2.88 16.81
N PRO C 219 29.51 -3.45 16.51
CA PRO C 219 29.69 -4.90 16.48
C PRO C 219 29.43 -5.58 17.81
N ARG C 220 29.13 -6.87 17.76
CA ARG C 220 28.87 -7.67 18.95
C ARG C 220 30.14 -8.42 19.36
NI NI D . -25.42 -10.44 -7.25
#